data_8A26
#
_entry.id   8A26
#
_cell.length_a   82.919
_cell.length_b   82.919
_cell.length_c   68.639
_cell.angle_alpha   90.000
_cell.angle_beta   90.000
_cell.angle_gamma   120.000
#
_symmetry.space_group_name_H-M   'P 31 2 1'
#
loop_
_entity.id
_entity.type
_entity.pdbx_description
1 polymer 'Lysophospholipase A'
2 non-polymer 'MALONIC ACID'
3 non-polymer 'PALMITIC ACID'
4 non-polymer (R,R)-2,3-BUTANEDIOL
5 water water
#
_entity_poly.entity_id   1
_entity_poly.type   'polypeptide(L)'
_entity_poly.pdbx_seq_one_letter_code
;MASWSHPQFEKGAETAVPNSSSMTPLNNIVVFGDSLSDNGNLYEYMKHQLPQSPPYFEGRFSNGPVWIERLAASYFPNDP
NSHLLDYAFGGAGVSVDEEDDEVFFTLRREVNSYLLAHQDKASPDSLFVIWIGANNYLGMPVEVEETLKNVNRGIADSIQ
RLVDKGAKHILVLNLPDLGRTPAALEFGSVEEMTYFSAQHNNALSNTVDYFKKTYPEVEWLFFDTGSHFDHVIEHASEYG
FTNITGTCSFSIVDEITKNSVLKMVASVKPELTESACDGYLFFDLVHPTALAHKIMAEKARLMLDEAGVEFAEN
;
_entity_poly.pdbx_strand_id   A
#
loop_
_chem_comp.id
_chem_comp.type
_chem_comp.name
_chem_comp.formula
BU3 non-polymer (R,R)-2,3-BUTANEDIOL 'C4 H10 O2'
MLA non-polymer 'MALONIC ACID' 'C3 H4 O4'
PLM non-polymer 'PALMITIC ACID' 'C16 H32 O2'
#
# COMPACT_ATOMS: atom_id res chain seq x y z
N SER A 22 2.22 9.61 24.72
CA SER A 22 2.96 9.31 23.50
C SER A 22 4.04 8.25 23.76
N MET A 23 5.14 8.34 23.02
CA MET A 23 6.25 7.43 23.17
C MET A 23 7.47 8.00 22.46
N THR A 24 8.45 8.50 23.20
CA THR A 24 9.49 9.32 22.56
C THR A 24 10.22 8.58 21.45
N PRO A 25 11.03 7.53 21.70
CA PRO A 25 11.53 6.74 20.56
C PRO A 25 10.65 5.52 20.30
N LEU A 26 10.34 5.31 19.03
CA LEU A 26 9.51 4.19 18.61
C LEU A 26 10.42 2.99 18.41
N ASN A 27 9.90 1.80 18.66
CA ASN A 27 10.71 0.61 18.52
CA ASN A 27 10.69 0.60 18.52
C ASN A 27 10.27 -0.32 17.39
N ASN A 28 9.12 -0.07 16.77
CA ASN A 28 8.79 -0.88 15.60
C ASN A 28 7.72 -0.21 14.76
N ILE A 29 7.51 -0.80 13.60
CA ILE A 29 6.56 -0.34 12.59
C ILE A 29 5.54 -1.45 12.41
N VAL A 30 4.27 -1.10 12.46
CA VAL A 30 3.17 -2.03 12.23
C VAL A 30 2.39 -1.50 11.04
N VAL A 31 2.31 -2.29 9.97
CA VAL A 31 1.69 -1.81 8.73
C VAL A 31 0.47 -2.65 8.37
N PHE A 32 -0.60 -1.94 8.04
CA PHE A 32 -1.83 -2.47 7.52
C PHE A 32 -2.00 -1.99 6.09
N GLY A 33 -2.29 -2.90 5.18
CA GLY A 33 -2.36 -2.52 3.79
C GLY A 33 -2.68 -3.67 2.88
N ASP A 34 -2.24 -3.53 1.63
CA ASP A 34 -2.61 -4.41 0.54
C ASP A 34 -1.35 -4.83 -0.22
N SER A 35 -1.48 -5.17 -1.51
CA SER A 35 -0.34 -5.61 -2.29
C SER A 35 0.75 -4.55 -2.44
N LEU A 36 0.44 -3.27 -2.17
CA LEU A 36 1.51 -2.28 -2.18
C LEU A 36 2.43 -2.40 -0.98
N SER A 37 2.02 -3.10 0.08
CA SER A 37 2.80 -3.16 1.30
C SER A 37 3.10 -4.57 1.79
N ASP A 38 2.51 -5.61 1.19
CA ASP A 38 2.71 -6.99 1.61
C ASP A 38 4.17 -7.39 1.40
N ASN A 39 4.80 -7.92 2.43
CA ASN A 39 6.18 -8.38 2.36
C ASN A 39 6.29 -9.92 2.27
N GLY A 40 5.23 -10.59 1.80
CA GLY A 40 5.27 -12.01 1.59
C GLY A 40 4.20 -12.82 2.30
N ASN A 41 3.21 -12.16 2.89
CA ASN A 41 2.17 -12.86 3.65
C ASN A 41 1.29 -13.71 2.73
N LEU A 42 0.77 -13.12 1.64
CA LEU A 42 -0.06 -13.92 0.75
C LEU A 42 0.76 -15.05 0.13
N TYR A 43 2.00 -14.76 -0.27
CA TYR A 43 2.87 -15.76 -0.86
C TYR A 43 3.03 -16.97 0.02
N GLU A 44 3.20 -16.78 1.33
CA GLU A 44 3.33 -17.91 2.24
CA GLU A 44 3.34 -17.91 2.23
C GLU A 44 2.06 -18.74 2.27
N TYR A 45 0.90 -18.08 2.43
CA TYR A 45 -0.36 -18.81 2.45
C TYR A 45 -0.62 -19.53 1.14
N MET A 46 -0.17 -18.94 0.02
CA MET A 46 -0.31 -19.54 -1.30
C MET A 46 0.76 -20.59 -1.61
N LYS A 47 1.53 -21.04 -0.61
CA LYS A 47 2.52 -22.10 -0.81
C LYS A 47 3.52 -21.70 -1.90
N HIS A 48 3.84 -20.40 -1.94
CA HIS A 48 4.81 -19.82 -2.87
C HIS A 48 4.36 -19.90 -4.32
N GLN A 49 3.08 -20.08 -4.58
CA GLN A 49 2.57 -20.22 -5.94
C GLN A 49 2.05 -18.90 -6.52
N LEU A 50 1.84 -17.89 -5.69
CA LEU A 50 1.32 -16.60 -6.12
C LEU A 50 1.73 -15.58 -5.07
N PRO A 51 2.33 -14.44 -5.46
CA PRO A 51 2.79 -14.11 -6.83
C PRO A 51 3.95 -15.00 -7.22
N GLN A 52 3.94 -15.56 -8.44
CA GLN A 52 5.01 -16.46 -8.86
C GLN A 52 6.35 -15.73 -8.83
N SER A 53 7.32 -16.33 -8.15
CA SER A 53 8.59 -15.68 -7.88
C SER A 53 9.73 -16.63 -8.18
N PRO A 54 10.54 -16.36 -9.22
CA PRO A 54 10.44 -15.27 -10.20
C PRO A 54 9.17 -15.44 -11.04
N PRO A 55 8.70 -14.40 -11.72
CA PRO A 55 9.37 -13.11 -11.93
C PRO A 55 9.16 -12.11 -10.81
N TYR A 56 8.15 -12.29 -9.94
CA TYR A 56 8.05 -11.44 -8.78
C TYR A 56 9.21 -11.75 -7.81
N PHE A 57 9.45 -10.82 -6.89
CA PHE A 57 10.57 -10.93 -5.95
C PHE A 57 10.09 -11.52 -4.63
N GLU A 58 10.38 -12.81 -4.40
CA GLU A 58 10.19 -13.45 -3.10
C GLU A 58 8.82 -13.14 -2.50
N GLY A 59 7.77 -13.24 -3.34
CA GLY A 59 6.42 -13.07 -2.89
C GLY A 59 5.91 -11.66 -2.72
N ARG A 60 6.76 -10.65 -2.93
CA ARG A 60 6.28 -9.28 -2.99
C ARG A 60 5.61 -9.05 -4.34
N PHE A 61 4.65 -8.13 -4.37
CA PHE A 61 3.99 -7.74 -5.61
C PHE A 61 4.80 -6.69 -6.37
N SER A 62 6.08 -7.01 -6.57
CA SER A 62 7.02 -6.15 -7.30
C SER A 62 8.23 -7.02 -7.62
N ASN A 63 9.26 -6.41 -8.23
CA ASN A 63 10.51 -7.10 -8.52
C ASN A 63 11.62 -6.70 -7.56
N GLY A 64 11.27 -6.19 -6.39
CA GLY A 64 12.20 -5.94 -5.32
C GLY A 64 11.44 -5.77 -4.02
N PRO A 65 12.14 -5.49 -2.92
CA PRO A 65 11.45 -5.23 -1.65
C PRO A 65 10.50 -4.04 -1.76
N VAL A 66 9.45 -4.09 -0.98
CA VAL A 66 8.44 -3.03 -1.01
C VAL A 66 8.86 -1.89 -0.09
N TRP A 67 8.20 -0.75 -0.30
CA TRP A 67 8.59 0.50 0.34
C TRP A 67 8.73 0.36 1.86
N ILE A 68 7.79 -0.34 2.51
CA ILE A 68 7.77 -0.33 3.97
C ILE A 68 8.91 -1.17 4.53
N GLU A 69 9.35 -2.19 3.78
CA GLU A 69 10.53 -2.96 4.19
C GLU A 69 11.78 -2.11 4.12
N ARG A 70 11.92 -1.33 3.04
CA ARG A 70 13.06 -0.45 2.89
C ARG A 70 13.05 0.62 3.97
N LEU A 71 11.87 1.13 4.32
CA LEU A 71 11.78 2.11 5.39
C LEU A 71 12.24 1.51 6.71
N ALA A 72 11.77 0.31 7.04
CA ALA A 72 12.19 -0.33 8.27
C ALA A 72 13.69 -0.54 8.31
N ALA A 73 14.28 -0.95 7.18
CA ALA A 73 15.72 -1.17 7.14
C ALA A 73 16.51 0.12 7.23
N SER A 74 15.93 1.26 6.84
CA SER A 74 16.63 2.54 7.00
C SER A 74 16.79 2.90 8.47
N TYR A 75 15.88 2.46 9.32
CA TYR A 75 16.01 2.71 10.74
C TYR A 75 16.74 1.60 11.47
N PHE A 76 16.60 0.36 11.00
CA PHE A 76 17.13 -0.83 11.66
C PHE A 76 17.85 -1.66 10.63
N PRO A 77 19.04 -1.22 10.21
CA PRO A 77 19.71 -1.88 9.08
C PRO A 77 20.16 -3.31 9.37
N ASN A 78 20.40 -3.65 10.64
CA ASN A 78 20.98 -4.96 10.96
C ASN A 78 19.92 -6.06 11.06
N ASP A 79 18.76 -5.78 11.66
CA ASP A 79 17.68 -6.76 11.75
C ASP A 79 16.34 -6.05 11.57
N PRO A 80 16.08 -5.52 10.37
CA PRO A 80 14.82 -4.80 10.15
C PRO A 80 13.59 -5.64 10.40
N ASN A 81 13.62 -6.94 10.10
CA ASN A 81 12.39 -7.71 10.21
C ASN A 81 11.93 -7.88 11.66
N SER A 82 12.84 -7.79 12.63
CA SER A 82 12.43 -7.82 14.03
CA SER A 82 12.44 -7.81 14.03
C SER A 82 11.81 -6.50 14.48
N HIS A 83 11.73 -5.50 13.60
CA HIS A 83 11.11 -4.23 13.93
C HIS A 83 9.98 -3.89 12.98
N LEU A 84 9.52 -4.86 12.19
CA LEU A 84 8.45 -4.65 11.23
C LEU A 84 7.43 -5.76 11.39
N LEU A 85 6.20 -5.41 11.77
CA LEU A 85 5.08 -6.33 11.78
C LEU A 85 4.17 -5.94 10.63
N ASP A 86 4.22 -6.69 9.54
CA ASP A 86 3.54 -6.38 8.30
C ASP A 86 2.32 -7.28 8.18
N TYR A 87 1.13 -6.71 8.40
CA TYR A 87 -0.12 -7.44 8.32
C TYR A 87 -0.81 -7.28 6.98
N ALA A 88 -0.16 -6.64 6.01
CA ALA A 88 -0.79 -6.43 4.71
C ALA A 88 -0.81 -7.73 3.90
N PHE A 89 -1.95 -8.02 3.31
CA PHE A 89 -2.07 -9.11 2.35
C PHE A 89 -2.34 -8.52 0.98
N GLY A 90 -1.71 -9.08 -0.05
CA GLY A 90 -2.19 -8.77 -1.40
C GLY A 90 -3.67 -9.09 -1.52
N GLY A 91 -4.41 -8.22 -2.22
CA GLY A 91 -5.84 -8.38 -2.37
C GLY A 91 -6.67 -7.82 -1.24
N ALA A 92 -6.06 -7.23 -0.23
CA ALA A 92 -6.82 -6.72 0.89
C ALA A 92 -7.40 -5.35 0.58
N GLY A 93 -8.49 -5.04 1.26
CA GLY A 93 -9.15 -3.76 1.09
C GLY A 93 -10.07 -3.54 2.26
N VAL A 94 -10.95 -2.57 2.09
CA VAL A 94 -11.98 -2.27 3.08
C VAL A 94 -13.23 -3.00 2.63
N SER A 95 -13.91 -3.69 3.56
CA SER A 95 -15.08 -4.44 3.14
C SER A 95 -16.13 -3.51 2.55
N VAL A 96 -16.74 -3.92 1.44
CA VAL A 96 -17.83 -3.16 0.83
C VAL A 96 -18.93 -4.10 0.32
N ASP A 100 -18.51 -11.94 -1.69
CA ASP A 100 -17.48 -11.04 -1.17
C ASP A 100 -16.09 -11.43 -1.69
N ASP A 101 -16.06 -12.18 -2.79
CA ASP A 101 -14.80 -12.67 -3.34
C ASP A 101 -13.91 -11.56 -3.88
N GLU A 102 -14.39 -10.30 -3.88
CA GLU A 102 -13.58 -9.21 -4.40
C GLU A 102 -12.33 -8.99 -3.56
N VAL A 103 -12.43 -9.20 -2.25
CA VAL A 103 -11.40 -8.81 -1.30
C VAL A 103 -10.88 -10.04 -0.59
N PHE A 104 -9.56 -10.21 -0.59
CA PHE A 104 -8.95 -11.37 0.06
C PHE A 104 -9.10 -11.30 1.58
N PHE A 105 -9.01 -10.11 2.15
CA PHE A 105 -8.91 -9.89 3.58
C PHE A 105 -9.18 -8.42 3.77
N THR A 106 -9.65 -8.04 4.95
CA THR A 106 -10.05 -6.66 5.18
C THR A 106 -9.08 -5.96 6.12
N LEU A 107 -9.06 -4.62 6.00
CA LEU A 107 -8.33 -3.80 6.95
C LEU A 107 -8.76 -4.12 8.38
N ARG A 108 -10.07 -4.21 8.61
CA ARG A 108 -10.57 -4.53 9.95
C ARG A 108 -9.95 -5.81 10.47
N ARG A 109 -9.87 -6.85 9.63
CA ARG A 109 -9.34 -8.13 10.09
C ARG A 109 -7.83 -8.07 10.30
N GLU A 110 -7.11 -7.25 9.53
CA GLU A 110 -5.69 -7.07 9.80
C GLU A 110 -5.46 -6.43 11.16
N VAL A 111 -6.19 -5.34 11.44
CA VAL A 111 -6.09 -4.67 12.73
C VAL A 111 -6.46 -5.61 13.87
N ASN A 112 -7.54 -6.37 13.69
CA ASN A 112 -7.95 -7.28 14.75
C ASN A 112 -6.97 -8.43 14.94
N SER A 113 -6.28 -8.82 13.88
CA SER A 113 -5.22 -9.82 14.00
C SER A 113 -4.08 -9.30 14.86
N TYR A 114 -3.62 -8.08 14.56
CA TYR A 114 -2.63 -7.43 15.43
C TYR A 114 -3.11 -7.37 16.86
N LEU A 115 -4.36 -6.94 17.07
CA LEU A 115 -4.86 -6.78 18.44
C LEU A 115 -4.96 -8.12 19.15
N LEU A 116 -5.38 -9.17 18.44
CA LEU A 116 -5.53 -10.49 19.08
C LEU A 116 -4.21 -10.95 19.68
N ALA A 117 -3.12 -10.79 18.94
CA ALA A 117 -1.80 -11.23 19.34
C ALA A 117 -1.14 -10.28 20.34
N HIS A 118 -1.75 -9.12 20.60
CA HIS A 118 -1.18 -8.12 21.51
C HIS A 118 -2.11 -7.83 22.68
N GLN A 119 -2.90 -8.83 23.08
CA GLN A 119 -3.78 -8.73 24.25
C GLN A 119 -4.71 -7.51 24.16
N ASP A 120 -5.15 -7.22 22.94
CA ASP A 120 -6.12 -6.16 22.66
C ASP A 120 -5.56 -4.78 23.00
N LYS A 121 -4.25 -4.63 22.93
CA LYS A 121 -3.58 -3.36 23.22
C LYS A 121 -2.74 -2.96 22.03
N ALA A 122 -2.84 -1.69 21.63
CA ALA A 122 -1.99 -1.12 20.59
C ALA A 122 -0.82 -0.42 21.29
N SER A 123 0.39 -0.85 20.97
CA SER A 123 1.55 -0.36 21.70
CA SER A 123 1.55 -0.36 21.70
CA SER A 123 1.55 -0.36 21.70
C SER A 123 1.74 1.13 21.46
N PRO A 124 2.02 1.92 22.51
CA PRO A 124 2.27 3.36 22.32
C PRO A 124 3.62 3.67 21.71
N ASP A 125 4.51 2.69 21.55
N ASP A 125 4.48 2.66 21.54
CA ASP A 125 5.81 2.92 20.98
CA ASP A 125 5.82 2.82 21.02
C ASP A 125 5.95 2.31 19.59
C ASP A 125 5.96 2.32 19.59
N SER A 126 4.84 2.00 18.95
CA SER A 126 4.84 1.56 17.56
C SER A 126 4.36 2.68 16.64
N LEU A 127 4.93 2.72 15.44
CA LEU A 127 4.39 3.53 14.36
C LEU A 127 3.41 2.65 13.59
N PHE A 128 2.12 2.95 13.70
CA PHE A 128 1.10 2.28 12.92
C PHE A 128 0.97 2.98 11.58
N VAL A 129 0.85 2.17 10.53
CA VAL A 129 0.87 2.66 9.15
C VAL A 129 -0.34 2.07 8.45
N ILE A 130 -1.12 2.91 7.78
CA ILE A 130 -2.31 2.45 7.06
C ILE A 130 -2.25 2.96 5.63
N TRP A 131 -2.12 2.03 4.66
CA TRP A 131 -2.17 2.37 3.23
C TRP A 131 -3.13 1.39 2.56
N ILE A 132 -4.37 1.81 2.36
CA ILE A 132 -5.40 0.89 1.89
C ILE A 132 -6.38 1.64 1.00
N GLY A 133 -7.06 0.87 0.16
CA GLY A 133 -8.10 1.39 -0.71
C GLY A 133 -7.91 1.06 -2.16
N ALA A 134 -6.66 0.96 -2.61
CA ALA A 134 -6.41 0.79 -4.04
C ALA A 134 -7.09 -0.47 -4.57
N ASN A 135 -7.05 -1.57 -3.78
CA ASN A 135 -7.65 -2.82 -4.24
C ASN A 135 -9.14 -2.68 -4.48
N ASN A 136 -9.82 -1.89 -3.63
CA ASN A 136 -11.25 -1.69 -3.81
C ASN A 136 -11.56 -1.03 -5.15
N TYR A 137 -10.82 0.01 -5.51
CA TYR A 137 -11.18 0.78 -6.69
C TYR A 137 -10.75 0.07 -7.96
N LEU A 138 -9.62 -0.62 -7.92
CA LEU A 138 -9.14 -1.36 -9.09
C LEU A 138 -9.95 -2.62 -9.36
N GLY A 139 -10.78 -3.06 -8.44
CA GLY A 139 -11.80 -4.02 -8.81
C GLY A 139 -12.87 -3.46 -9.72
N MET A 140 -12.77 -2.17 -10.04
CA MET A 140 -13.72 -1.47 -10.89
C MET A 140 -15.18 -1.78 -10.51
N PRO A 141 -15.56 -1.56 -9.25
CA PRO A 141 -16.92 -1.87 -8.80
C PRO A 141 -17.96 -0.98 -9.46
N VAL A 142 -19.20 -1.47 -9.45
CA VAL A 142 -20.28 -0.84 -10.21
C VAL A 142 -20.90 0.33 -9.46
N GLU A 143 -20.85 0.32 -8.13
CA GLU A 143 -21.44 1.38 -7.31
C GLU A 143 -20.35 2.36 -6.89
N VAL A 144 -20.30 3.50 -7.57
CA VAL A 144 -19.19 4.43 -7.40
C VAL A 144 -19.24 5.06 -6.00
N GLU A 145 -20.33 5.73 -5.67
CA GLU A 145 -20.34 6.53 -4.45
C GLU A 145 -20.40 5.64 -3.21
N GLU A 146 -21.14 4.53 -3.25
CA GLU A 146 -21.15 3.66 -2.08
C GLU A 146 -19.78 3.07 -1.82
N THR A 147 -18.99 2.78 -2.86
CA THR A 147 -17.64 2.27 -2.64
C THR A 147 -16.76 3.32 -1.98
N LEU A 148 -16.81 4.56 -2.47
CA LEU A 148 -16.05 5.64 -1.87
C LEU A 148 -16.44 5.83 -0.41
N LYS A 149 -17.74 5.85 -0.14
CA LYS A 149 -18.22 6.02 1.22
C LYS A 149 -17.69 4.93 2.12
N ASN A 150 -17.81 3.69 1.68
CA ASN A 150 -17.47 2.60 2.59
C ASN A 150 -15.97 2.43 2.77
N VAL A 151 -15.17 2.75 1.77
CA VAL A 151 -13.72 2.73 1.99
C VAL A 151 -13.35 3.78 3.03
N ASN A 152 -13.89 5.00 2.91
CA ASN A 152 -13.58 6.04 3.88
C ASN A 152 -14.06 5.64 5.26
N ARG A 153 -15.28 5.11 5.34
CA ARG A 153 -15.81 4.69 6.64
C ARG A 153 -14.93 3.61 7.27
N GLY A 154 -14.49 2.63 6.48
CA GLY A 154 -13.69 1.56 7.03
C GLY A 154 -12.34 2.04 7.52
N ILE A 155 -11.74 2.99 6.83
CA ILE A 155 -10.48 3.58 7.28
C ILE A 155 -10.70 4.33 8.60
N ALA A 156 -11.73 5.18 8.65
CA ALA A 156 -12.01 5.91 9.89
C ALA A 156 -12.27 4.96 11.05
N ASP A 157 -13.00 3.88 10.80
CA ASP A 157 -13.30 2.92 11.86
C ASP A 157 -12.02 2.30 12.41
N SER A 158 -11.12 1.89 11.53
CA SER A 158 -9.88 1.25 11.98
C SER A 158 -8.96 2.24 12.69
N ILE A 159 -8.92 3.49 12.24
CA ILE A 159 -8.18 4.51 12.98
C ILE A 159 -8.75 4.67 14.38
N GLN A 160 -10.07 4.86 14.49
CA GLN A 160 -10.67 5.02 15.81
C GLN A 160 -10.35 3.83 16.70
N ARG A 161 -10.42 2.61 16.14
CA ARG A 161 -10.14 1.43 16.94
C ARG A 161 -8.70 1.43 17.46
N LEU A 162 -7.74 1.73 16.60
CA LEU A 162 -6.35 1.82 17.06
C LEU A 162 -6.19 2.84 18.18
N VAL A 163 -6.78 4.03 18.02
CA VAL A 163 -6.69 5.05 19.06
C VAL A 163 -7.30 4.53 20.35
N ASP A 164 -8.47 3.90 20.25
CA ASP A 164 -9.15 3.43 21.44
C ASP A 164 -8.34 2.37 22.18
N LYS A 165 -7.53 1.60 21.46
CA LYS A 165 -6.73 0.55 22.09
C LYS A 165 -5.34 1.00 22.48
N GLY A 166 -5.02 2.29 22.32
CA GLY A 166 -3.81 2.86 22.86
C GLY A 166 -2.79 3.39 21.86
N ALA A 167 -3.06 3.36 20.56
CA ALA A 167 -2.08 3.84 19.60
C ALA A 167 -1.78 5.32 19.84
N LYS A 168 -0.50 5.69 19.67
CA LYS A 168 -0.05 7.06 19.87
C LYS A 168 0.69 7.64 18.67
N HIS A 169 0.87 6.85 17.60
CA HIS A 169 1.58 7.31 16.41
C HIS A 169 0.95 6.59 15.23
N ILE A 170 0.31 7.36 14.35
CA ILE A 170 -0.42 6.78 13.22
C ILE A 170 -0.05 7.56 11.96
N LEU A 171 0.44 6.83 10.95
CA LEU A 171 0.75 7.36 9.62
C LEU A 171 -0.29 6.86 8.64
N VAL A 172 -0.94 7.80 7.95
CA VAL A 172 -1.95 7.51 6.92
C VAL A 172 -1.39 7.94 5.57
N LEU A 173 -1.49 7.05 4.58
CA LEU A 173 -1.05 7.35 3.22
C LEU A 173 -2.27 7.36 2.29
N ASN A 174 -2.33 8.39 1.42
CA ASN A 174 -3.40 8.49 0.44
C ASN A 174 -2.99 7.72 -0.82
N LEU A 175 -3.80 7.84 -1.90
CA LEU A 175 -3.58 6.99 -3.06
C LEU A 175 -2.94 7.76 -4.21
N PRO A 176 -2.11 7.06 -4.98
CA PRO A 176 -1.69 7.60 -6.29
C PRO A 176 -2.88 7.66 -7.24
N ASP A 177 -2.71 8.41 -8.33
CA ASP A 177 -3.72 8.48 -9.37
C ASP A 177 -3.79 7.12 -10.06
N LEU A 178 -4.82 6.33 -9.72
CA LEU A 178 -4.95 4.99 -10.27
C LEU A 178 -5.29 5.01 -11.75
N GLY A 179 -5.69 6.15 -12.30
CA GLY A 179 -5.85 6.28 -13.74
C GLY A 179 -4.56 6.18 -14.50
N ARG A 180 -3.41 6.25 -13.82
CA ARG A 180 -2.12 6.06 -14.45
C ARG A 180 -1.69 4.61 -14.55
N THR A 181 -2.45 3.68 -13.97
CA THR A 181 -2.03 2.28 -14.07
C THR A 181 -2.19 1.79 -15.50
N PRO A 182 -1.31 0.92 -15.94
CA PRO A 182 -1.55 0.24 -17.24
C PRO A 182 -2.92 -0.42 -17.29
N ALA A 183 -3.40 -0.95 -16.17
CA ALA A 183 -4.73 -1.54 -16.13
C ALA A 183 -5.80 -0.56 -16.61
N ALA A 184 -5.81 0.65 -16.03
CA ALA A 184 -6.81 1.63 -16.43
C ALA A 184 -6.67 2.00 -17.90
N LEU A 185 -5.42 2.16 -18.36
CA LEU A 185 -5.21 2.52 -19.75
C LEU A 185 -5.71 1.42 -20.69
N GLU A 186 -5.44 0.17 -20.35
CA GLU A 186 -5.79 -0.93 -21.25
C GLU A 186 -7.28 -1.19 -21.24
N PHE A 187 -7.92 -1.10 -20.08
CA PHE A 187 -9.34 -1.37 -19.91
C PHE A 187 -10.22 -0.16 -20.21
N GLY A 188 -9.62 1.00 -20.47
CA GLY A 188 -10.41 2.19 -20.77
C GLY A 188 -11.12 2.80 -19.59
N SER A 189 -10.54 2.71 -18.40
CA SER A 189 -11.18 3.20 -17.18
C SER A 189 -10.38 4.33 -16.52
N VAL A 190 -9.59 5.06 -17.32
CA VAL A 190 -8.75 6.12 -16.77
C VAL A 190 -9.59 7.12 -15.98
N GLU A 191 -10.65 7.64 -16.59
CA GLU A 191 -11.45 8.67 -15.92
CA GLU A 191 -11.46 8.66 -15.92
C GLU A 191 -12.05 8.14 -14.63
N GLU A 192 -12.56 6.91 -14.64
CA GLU A 192 -13.18 6.35 -13.45
C GLU A 192 -12.15 6.12 -12.36
N MET A 193 -10.95 5.67 -12.73
CA MET A 193 -9.94 5.38 -11.71
C MET A 193 -9.38 6.67 -11.14
N THR A 194 -9.19 7.70 -11.97
CA THR A 194 -8.78 8.99 -11.44
C THR A 194 -9.84 9.58 -10.53
N TYR A 195 -11.12 9.44 -10.91
CA TYR A 195 -12.19 9.96 -10.06
C TYR A 195 -12.16 9.29 -8.69
N PHE A 196 -12.09 7.95 -8.65
CA PHE A 196 -11.98 7.26 -7.37
C PHE A 196 -10.81 7.82 -6.56
N SER A 197 -9.65 7.96 -7.21
CA SER A 197 -8.45 8.39 -6.49
C SER A 197 -8.64 9.78 -5.90
N ALA A 198 -9.15 10.71 -6.70
CA ALA A 198 -9.26 12.09 -6.23
C ALA A 198 -10.32 12.20 -5.13
N GLN A 199 -11.46 11.54 -5.31
CA GLN A 199 -12.51 11.62 -4.30
C GLN A 199 -12.07 10.92 -3.02
N HIS A 200 -11.42 9.77 -3.16
CA HIS A 200 -10.89 9.08 -1.99
C HIS A 200 -9.93 9.98 -1.23
N ASN A 201 -9.00 10.62 -1.94
CA ASN A 201 -7.97 11.41 -1.28
C ASN A 201 -8.57 12.62 -0.60
N ASN A 202 -9.56 13.26 -1.23
N ASN A 202 -9.56 13.27 -1.24
CA ASN A 202 -10.19 14.42 -0.60
CA ASN A 202 -10.22 14.42 -0.62
C ASN A 202 -10.88 14.01 0.70
C ASN A 202 -10.87 14.01 0.69
N ALA A 203 -11.62 12.90 0.68
CA ALA A 203 -12.29 12.44 1.88
C ALA A 203 -11.28 12.03 2.95
N LEU A 204 -10.20 11.38 2.54
CA LEU A 204 -9.21 10.92 3.52
C LEU A 204 -8.52 12.08 4.20
N SER A 205 -8.24 13.15 3.46
CA SER A 205 -7.69 14.35 4.08
CA SER A 205 -7.68 14.34 4.09
C SER A 205 -8.62 14.91 5.15
N ASN A 206 -9.93 14.91 4.86
CA ASN A 206 -10.91 15.36 5.85
C ASN A 206 -10.90 14.46 7.07
N THR A 207 -10.80 13.15 6.86
CA THR A 207 -10.72 12.21 7.98
C THR A 207 -9.52 12.51 8.86
N VAL A 208 -8.35 12.65 8.25
CA VAL A 208 -7.13 12.86 9.03
C VAL A 208 -7.21 14.19 9.76
N ASP A 209 -7.75 15.22 9.12
CA ASP A 209 -7.94 16.50 9.79
C ASP A 209 -8.83 16.35 11.02
N TYR A 210 -9.91 15.56 10.89
CA TYR A 210 -10.80 15.33 12.02
C TYR A 210 -10.06 14.69 13.18
N PHE A 211 -9.33 13.61 12.91
CA PHE A 211 -8.62 12.93 13.98
C PHE A 211 -7.55 13.82 14.61
N LYS A 212 -6.87 14.62 13.80
CA LYS A 212 -5.86 15.53 14.35
C LYS A 212 -6.48 16.48 15.36
N LYS A 213 -7.66 17.01 15.03
CA LYS A 213 -8.32 17.99 15.89
C LYS A 213 -8.90 17.31 17.13
N THR A 214 -9.37 16.07 16.98
CA THR A 214 -10.05 15.38 18.07
C THR A 214 -9.07 14.73 19.03
N TYR A 215 -7.93 14.24 18.54
CA TYR A 215 -6.97 13.53 19.37
C TYR A 215 -5.60 14.19 19.26
N PRO A 216 -5.45 15.38 19.82
CA PRO A 216 -4.15 16.05 19.77
C PRO A 216 -3.06 15.29 20.50
N GLU A 217 -3.43 14.37 21.38
CA GLU A 217 -2.45 13.59 22.13
C GLU A 217 -1.83 12.46 21.31
N VAL A 218 -2.34 12.21 20.11
CA VAL A 218 -1.79 11.22 19.20
C VAL A 218 -0.96 11.95 18.16
N GLU A 219 0.18 11.36 17.78
CA GLU A 219 0.98 11.90 16.69
C GLU A 219 0.38 11.44 15.36
N TRP A 220 -0.08 12.39 14.55
CA TRP A 220 -0.72 12.13 13.27
C TRP A 220 0.25 12.50 12.16
N LEU A 221 0.49 11.54 11.26
CA LEU A 221 1.42 11.69 10.17
C LEU A 221 0.69 11.34 8.88
N PHE A 222 1.00 12.07 7.83
CA PHE A 222 0.29 11.91 6.57
C PHE A 222 1.30 11.92 5.44
N PHE A 223 1.14 11.02 4.49
CA PHE A 223 1.97 11.02 3.30
C PHE A 223 1.09 11.17 2.08
N ASP A 224 1.35 12.20 1.29
CA ASP A 224 0.55 12.54 0.12
C ASP A 224 1.14 11.81 -1.08
N THR A 225 0.84 10.50 -1.13
CA THR A 225 1.25 9.68 -2.27
C THR A 225 0.74 10.27 -3.57
N GLY A 226 -0.47 10.83 -3.55
CA GLY A 226 -1.04 11.39 -4.75
C GLY A 226 -0.14 12.44 -5.37
N SER A 227 0.28 13.42 -4.58
CA SER A 227 1.14 14.47 -5.11
C SER A 227 2.51 13.94 -5.46
N HIS A 228 3.06 13.06 -4.62
CA HIS A 228 4.40 12.54 -4.88
C HIS A 228 4.44 11.73 -6.16
N PHE A 229 3.43 10.89 -6.40
CA PHE A 229 3.43 10.08 -7.61
C PHE A 229 3.27 10.95 -8.84
N ASP A 230 2.45 12.00 -8.76
CA ASP A 230 2.34 12.92 -9.88
C ASP A 230 3.67 13.61 -10.17
N HIS A 231 4.42 13.95 -9.11
CA HIS A 231 5.74 14.55 -9.32
C HIS A 231 6.68 13.57 -10.00
N VAL A 232 6.64 12.30 -9.61
CA VAL A 232 7.47 11.29 -10.26
C VAL A 232 7.11 11.18 -11.74
N ILE A 233 5.81 11.09 -12.05
CA ILE A 233 5.35 11.05 -13.44
C ILE A 233 5.88 12.24 -14.22
N GLU A 234 5.72 13.45 -13.66
CA GLU A 234 6.12 14.67 -14.35
C GLU A 234 7.63 14.77 -14.56
N HIS A 235 8.41 13.98 -13.83
CA HIS A 235 9.86 14.00 -13.92
C HIS A 235 10.40 12.60 -14.05
N ALA A 236 9.67 11.75 -14.78
CA ALA A 236 9.92 10.32 -14.72
C ALA A 236 11.36 9.99 -15.10
N SER A 237 11.86 10.57 -16.18
CA SER A 237 13.23 10.24 -16.63
CA SER A 237 13.23 10.24 -16.63
C SER A 237 14.26 10.65 -15.57
N GLU A 238 14.01 11.74 -14.87
CA GLU A 238 14.94 12.20 -13.84
C GLU A 238 14.96 11.26 -12.64
N TYR A 239 13.86 10.56 -12.41
CA TYR A 239 13.80 9.54 -11.36
C TYR A 239 14.30 8.18 -11.82
N GLY A 240 14.59 8.04 -13.13
CA GLY A 240 15.12 6.81 -13.68
C GLY A 240 14.18 5.99 -14.54
N PHE A 241 12.99 6.48 -14.86
CA PHE A 241 12.00 5.71 -15.60
C PHE A 241 11.97 6.14 -17.06
N THR A 242 12.08 5.17 -17.96
CA THR A 242 11.97 5.40 -19.39
C THR A 242 10.64 4.92 -19.98
N ASN A 243 9.82 4.20 -19.21
CA ASN A 243 8.55 3.68 -19.68
C ASN A 243 7.59 3.72 -18.52
N ILE A 244 6.48 4.47 -18.68
CA ILE A 244 5.49 4.61 -17.62
C ILE A 244 4.14 4.02 -17.97
N THR A 245 3.96 3.49 -19.18
CA THR A 245 2.67 2.92 -19.59
C THR A 245 2.72 1.42 -19.84
N GLY A 246 3.89 0.83 -20.06
CA GLY A 246 4.02 -0.59 -20.27
C GLY A 246 4.27 -1.33 -18.97
N THR A 247 4.55 -2.63 -19.11
CA THR A 247 4.77 -3.49 -17.96
C THR A 247 5.98 -4.40 -18.17
N CYS A 248 6.74 -4.63 -17.11
CA CYS A 248 7.88 -5.55 -17.17
C CYS A 248 7.39 -6.97 -17.42
N SER A 249 6.47 -7.43 -16.58
CA SER A 249 5.81 -8.70 -16.79
C SER A 249 4.75 -8.56 -17.89
N PHE A 250 4.16 -9.68 -18.24
CA PHE A 250 3.11 -9.73 -19.24
C PHE A 250 1.96 -10.58 -18.73
N SER A 251 0.77 -10.01 -18.77
CA SER A 251 -0.43 -10.71 -18.34
CA SER A 251 -0.44 -10.71 -18.35
CA SER A 251 -0.45 -10.69 -18.34
C SER A 251 -1.47 -10.66 -19.46
N ILE A 252 -2.33 -11.66 -19.48
CA ILE A 252 -3.42 -11.76 -20.42
C ILE A 252 -4.64 -11.95 -19.52
N VAL A 253 -5.52 -10.95 -19.47
CA VAL A 253 -6.67 -10.96 -18.57
C VAL A 253 -7.95 -11.06 -19.39
N ASP A 254 -8.88 -11.88 -18.92
CA ASP A 254 -10.20 -11.98 -19.53
C ASP A 254 -11.12 -10.87 -19.03
N GLU A 255 -12.44 -11.06 -19.15
CA GLU A 255 -13.37 -10.11 -18.58
C GLU A 255 -13.60 -10.39 -17.10
N ILE A 256 -13.79 -11.68 -16.75
CA ILE A 256 -13.93 -12.06 -15.34
C ILE A 256 -12.61 -12.07 -14.60
N THR A 257 -11.50 -11.88 -15.31
CA THR A 257 -10.19 -11.71 -14.69
C THR A 257 -9.85 -10.25 -14.46
N LYS A 258 -10.45 -9.35 -15.25
CA LYS A 258 -10.27 -7.92 -15.02
C LYS A 258 -10.86 -7.47 -13.70
N ASN A 259 -11.56 -8.37 -12.99
CA ASN A 259 -12.32 -7.96 -11.82
C ASN A 259 -11.45 -7.71 -10.58
N SER A 260 -10.18 -8.11 -10.58
CA SER A 260 -9.45 -7.94 -9.33
C SER A 260 -7.94 -7.92 -9.52
N VAL A 261 -7.26 -7.27 -8.58
CA VAL A 261 -5.81 -7.22 -8.56
C VAL A 261 -5.23 -8.64 -8.54
N LEU A 262 -5.78 -9.52 -7.70
CA LEU A 262 -5.18 -10.85 -7.61
C LEU A 262 -5.36 -11.66 -8.87
N LYS A 263 -6.50 -11.50 -9.57
CA LYS A 263 -6.68 -12.17 -10.84
C LYS A 263 -5.65 -11.68 -11.88
N MET A 264 -5.39 -10.37 -11.90
CA MET A 264 -4.38 -9.83 -12.81
CA MET A 264 -4.38 -9.85 -12.82
C MET A 264 -3.01 -10.45 -12.52
N VAL A 265 -2.66 -10.62 -11.25
CA VAL A 265 -1.37 -11.20 -10.88
C VAL A 265 -1.31 -12.66 -11.29
N ALA A 266 -2.39 -13.41 -11.03
CA ALA A 266 -2.42 -14.82 -11.40
C ALA A 266 -2.31 -15.03 -12.90
N SER A 267 -2.64 -14.02 -13.70
CA SER A 267 -2.64 -14.14 -15.15
CA SER A 267 -2.63 -14.13 -15.15
C SER A 267 -1.30 -13.75 -15.77
N VAL A 268 -0.27 -13.51 -14.95
CA VAL A 268 1.05 -13.22 -15.47
C VAL A 268 1.60 -14.49 -16.10
N LYS A 269 2.19 -14.34 -17.30
CA LYS A 269 2.81 -15.43 -18.03
C LYS A 269 4.32 -15.30 -17.80
N PRO A 270 4.90 -16.07 -16.88
CA PRO A 270 6.26 -15.76 -16.39
C PRO A 270 7.31 -15.81 -17.47
N GLU A 271 7.15 -16.68 -18.45
CA GLU A 271 8.13 -16.85 -19.51
C GLU A 271 8.21 -15.63 -20.41
N LEU A 272 7.23 -14.72 -20.34
CA LEU A 272 7.22 -13.54 -21.19
C LEU A 272 7.63 -12.27 -20.44
N THR A 273 8.21 -12.42 -19.26
CA THR A 273 8.71 -11.25 -18.53
C THR A 273 9.95 -10.73 -19.23
N GLU A 274 10.04 -9.41 -19.37
CA GLU A 274 11.26 -8.80 -19.90
C GLU A 274 12.42 -9.09 -18.96
N SER A 275 13.60 -9.28 -19.54
CA SER A 275 14.78 -9.56 -18.72
C SER A 275 15.37 -8.29 -18.10
N ALA A 276 15.23 -7.15 -18.78
CA ALA A 276 15.83 -5.88 -18.36
C ALA A 276 14.71 -4.90 -18.06
N CYS A 277 14.40 -4.72 -16.78
CA CYS A 277 13.26 -3.89 -16.40
C CYS A 277 13.62 -2.64 -15.62
N ASP A 278 14.90 -2.29 -15.56
CA ASP A 278 15.30 -1.18 -14.70
C ASP A 278 14.65 0.16 -15.07
N GLY A 279 14.10 0.30 -16.27
CA GLY A 279 13.45 1.54 -16.67
C GLY A 279 11.94 1.58 -16.56
N TYR A 280 11.27 0.49 -16.19
CA TYR A 280 9.83 0.49 -16.13
C TYR A 280 9.35 1.08 -14.79
N LEU A 281 8.30 1.88 -14.86
CA LEU A 281 7.59 2.27 -13.64
C LEU A 281 6.72 1.13 -13.13
N PHE A 282 6.11 0.36 -14.04
CA PHE A 282 5.15 -0.69 -13.67
C PHE A 282 5.72 -2.08 -13.92
N PHE A 283 5.63 -2.91 -12.87
CA PHE A 283 6.00 -4.32 -12.99
C PHE A 283 4.90 -5.14 -13.63
N ASP A 284 3.65 -4.90 -13.25
CA ASP A 284 2.49 -5.56 -13.84
C ASP A 284 1.44 -4.49 -14.09
N LEU A 285 0.21 -4.92 -14.37
CA LEU A 285 -0.82 -3.97 -14.80
C LEU A 285 -1.18 -2.95 -13.71
N VAL A 286 -0.86 -3.20 -12.45
CA VAL A 286 -1.11 -2.19 -11.42
C VAL A 286 0.07 -1.90 -10.51
N HIS A 287 1.02 -2.85 -10.37
CA HIS A 287 2.03 -2.70 -9.31
C HIS A 287 3.30 -2.05 -9.82
N PRO A 288 3.87 -1.12 -9.06
CA PRO A 288 5.11 -0.48 -9.45
C PRO A 288 6.31 -1.38 -9.23
N THR A 289 7.41 -1.02 -9.90
CA THR A 289 8.66 -1.75 -9.81
C THR A 289 9.43 -1.40 -8.55
N ALA A 290 10.57 -2.08 -8.38
CA ALA A 290 11.39 -1.94 -7.19
C ALA A 290 11.88 -0.50 -7.01
N LEU A 291 12.27 0.15 -8.10
CA LEU A 291 12.77 1.52 -7.99
C LEU A 291 11.69 2.45 -7.48
N ALA A 292 10.45 2.27 -7.92
CA ALA A 292 9.36 3.10 -7.40
C ALA A 292 9.19 2.88 -5.90
N HIS A 293 9.30 1.63 -5.44
CA HIS A 293 9.22 1.36 -4.01
C HIS A 293 10.38 1.99 -3.25
N LYS A 294 11.57 2.01 -3.85
CA LYS A 294 12.71 2.67 -3.22
C LYS A 294 12.48 4.17 -3.09
N ILE A 295 11.99 4.82 -4.15
CA ILE A 295 11.70 6.25 -4.11
C ILE A 295 10.66 6.54 -3.02
N MET A 296 9.61 5.75 -2.98
CA MET A 296 8.58 5.92 -1.96
C MET A 296 9.17 5.85 -0.56
N ALA A 297 10.00 4.85 -0.32
CA ALA A 297 10.60 4.70 1.01
C ALA A 297 11.47 5.89 1.36
N GLU A 298 12.24 6.40 0.39
CA GLU A 298 13.11 7.54 0.62
C GLU A 298 12.32 8.78 0.97
N LYS A 299 11.23 9.03 0.22
CA LYS A 299 10.40 10.20 0.49
CA LYS A 299 10.40 10.21 0.49
C LYS A 299 9.66 10.07 1.82
N ALA A 300 9.19 8.86 2.14
CA ALA A 300 8.54 8.65 3.43
C ALA A 300 9.50 8.89 4.59
N ARG A 301 10.75 8.41 4.45
CA ARG A 301 11.74 8.66 5.50
C ARG A 301 12.01 10.15 5.68
N LEU A 302 12.11 10.90 4.58
CA LEU A 302 12.33 12.34 4.69
C LEU A 302 11.17 13.02 5.39
N MET A 303 9.94 12.60 5.08
CA MET A 303 8.77 13.15 5.76
C MET A 303 8.82 12.87 7.25
N LEU A 304 9.14 11.63 7.63
CA LEU A 304 9.21 11.28 9.03
C LEU A 304 10.33 12.03 9.73
N ASP A 305 11.48 12.18 9.07
CA ASP A 305 12.58 12.95 9.66
C ASP A 305 12.16 14.40 9.88
N GLU A 306 11.47 15.00 8.90
CA GLU A 306 11.00 16.37 9.05
C GLU A 306 10.07 16.49 10.25
N ALA A 307 9.23 15.48 10.46
CA ALA A 307 8.27 15.49 11.57
C ALA A 307 8.93 15.19 12.90
N GLY A 308 10.19 14.79 12.91
CA GLY A 308 10.92 14.53 14.13
C GLY A 308 10.74 13.15 14.70
N VAL A 309 10.25 12.19 13.91
CA VAL A 309 10.03 10.84 14.42
C VAL A 309 11.37 10.15 14.63
N GLU A 310 11.54 9.53 15.79
CA GLU A 310 12.78 8.89 16.16
C GLU A 310 12.52 7.43 16.50
N PHE A 311 13.37 6.54 15.98
CA PHE A 311 13.36 5.13 16.30
C PHE A 311 14.59 4.79 17.12
N ALA A 312 14.51 3.70 17.88
CA ALA A 312 15.65 3.16 18.59
C ALA A 312 15.35 1.71 18.96
N GLU A 313 16.40 0.91 19.12
CA GLU A 313 16.25 -0.52 19.36
C GLU A 313 15.96 -0.83 20.83
C1 MLA B . -10.40 -12.29 15.73
O1A MLA B . -10.49 -13.47 15.33
O1B MLA B . -10.05 -11.93 16.87
C2 MLA B . -10.74 -11.16 14.74
C3 MLA B . -10.75 -11.73 13.32
O3A MLA B . -9.65 -11.70 12.71
O3B MLA B . -11.83 -12.17 12.88
HC21 MLA B . -10.08 -10.45 14.79
HC22 MLA B . -11.60 -10.77 14.94
C1 MLA C . 6.08 -6.93 19.22
O1A MLA C . 4.97 -7.43 18.93
O1B MLA C . 7.10 -7.01 18.51
C2 MLA C . 6.13 -6.13 20.54
C3 MLA C . 5.20 -4.90 20.50
O3A MLA C . 4.93 -4.47 19.36
O3B MLA C . 4.80 -4.43 21.58
HC21 MLA C . 7.04 -5.83 20.72
HC22 MLA C . 5.86 -6.70 21.28
C1 PLM D . -3.21 -2.23 -4.98
O1 PLM D . -2.51 -1.69 -4.11
O2 PLM D . -4.28 -2.87 -4.82
C2 PLM D . -2.69 -2.07 -6.47
C3 PLM D . -1.44 -1.15 -6.71
C4 PLM D . -1.67 0.29 -7.33
C5 PLM D . -0.37 1.17 -7.28
C6 PLM D . -0.16 2.27 -8.36
C7 PLM D . 1.32 2.74 -8.47
C8 PLM D . 1.83 3.58 -7.27
C9 PLM D . 3.36 3.82 -7.27
CA PLM D . 3.95 4.07 -5.85
CB PLM D . 5.19 4.98 -5.84
CC PLM D . 4.87 6.44 -5.53
CD PLM D . 5.85 7.44 -6.14
CE PLM D . 6.09 8.62 -5.25
CF PLM D . 7.05 8.28 -4.14
CG PLM D . 6.80 9.09 -2.88
H21 PLM D . -3.53 -1.70 -7.07
H22 PLM D . -2.48 -3.08 -6.84
H31 PLM D . -0.93 -1.03 -5.74
H32 PLM D . -0.73 -1.70 -7.34
H41 PLM D . -2.50 0.80 -6.81
H42 PLM D . -2.01 0.19 -8.38
H51 PLM D . 0.50 0.50 -7.31
H52 PLM D . -0.33 1.65 -6.29
H61 PLM D . -0.80 3.13 -8.13
H62 PLM D . -0.51 1.89 -9.34
H71 PLM D . 1.44 3.33 -9.40
H72 PLM D . 1.97 1.86 -8.59
H81 PLM D . 1.53 3.09 -6.33
H82 PLM D . 1.32 4.56 -7.27
H91 PLM D . 3.60 4.67 -7.91
H92 PLM D . 3.86 2.95 -7.72
HA1 PLM D . 3.18 4.51 -5.21
HA2 PLM D . 4.21 3.10 -5.39
HB1 PLM D . 5.91 4.60 -5.11
HB2 PLM D . 5.69 4.92 -6.82
HC1 PLM D . 3.86 6.67 -5.88
HC2 PLM D . 4.85 6.58 -4.44
HD1 PLM D . 5.46 7.77 -7.11
HD2 PLM D . 6.81 6.92 -6.34
HE1 PLM D . 6.48 9.46 -5.85
HE2 PLM D . 5.13 8.97 -4.82
HF1 PLM D . 8.08 8.45 -4.48
HF2 PLM D . 6.98 7.21 -3.92
HG1 PLM D . 5.79 8.92 -2.50
HG2 PLM D . 7.50 8.82 -2.09
HG3 PLM D . 6.90 10.16 -3.07
O6 BU3 E . -6.07 13.95 -7.23
C3 BU3 E . -5.62 13.03 -8.18
C4 BU3 E . -6.23 11.65 -8.09
C2 BU3 E . -4.08 12.84 -8.16
O5 BU3 E . -3.47 13.54 -7.11
C1 BU3 E . -3.50 13.11 -9.55
HO6 BU3 E . -5.40 14.20 -6.78
H3 BU3 E . -5.91 13.48 -8.99
H41 BU3 E . -7.20 11.69 -8.14
H42 BU3 E . -5.98 11.22 -7.26
H43 BU3 E . -5.93 11.09 -8.82
H2 BU3 E . -3.87 11.92 -7.94
HO5 BU3 E . -3.55 13.05 -6.42
H11 BU3 E . -3.32 14.06 -9.66
H12 BU3 E . -4.13 12.84 -10.24
H13 BU3 E . -2.68 12.62 -9.68
O6 BU3 F . 3.28 -18.17 -24.22
C3 BU3 F . 1.92 -17.86 -24.46
C4 BU3 F . 1.81 -16.64 -25.37
C2 BU3 F . 1.12 -17.70 -23.16
O5 BU3 F . 1.33 -18.74 -22.23
C1 BU3 F . -0.36 -17.56 -23.49
HO6 BU3 F . 3.62 -18.44 -24.94
H3 BU3 F . 1.56 -18.63 -24.90
H41 BU3 F . 0.97 -16.65 -25.84
H42 BU3 F . 2.52 -16.63 -26.02
H43 BU3 F . 1.87 -15.83 -24.85
H2 BU3 F . 1.46 -16.91 -22.71
HO5 BU3 F . 2.00 -19.18 -22.48
H11 BU3 F . -0.90 -17.70 -22.69
H12 BU3 F . -0.63 -18.22 -24.15
H13 BU3 F . -0.55 -16.68 -23.84
O6 BU3 G . 17.72 -2.03 -5.16
C3 BU3 G . 18.68 -1.02 -4.91
C4 BU3 G . 19.81 -1.06 -5.93
C2 BU3 G . 19.18 -1.07 -3.47
O5 BU3 G . 19.09 0.21 -2.85
C1 BU3 G . 20.58 -1.62 -3.29
HO6 BU3 G . 17.83 -2.33 -5.95
H3 BU3 G . 18.23 -0.17 -5.02
H41 BU3 G . 19.47 -0.88 -6.81
H42 BU3 G . 20.23 -1.93 -5.93
H43 BU3 G . 20.49 -0.41 -5.71
H2 BU3 G . 18.57 -1.67 -3.01
HO5 BU3 G . 19.35 0.15 -2.04
H11 BU3 G . 20.78 -1.79 -2.35
H12 BU3 G . 21.24 -1.01 -3.64
H13 BU3 G . 20.68 -2.47 -3.76
#